data_4DSO
#
_entry.id   4DSO
#
_cell.length_a   79.374
_cell.length_b   79.374
_cell.length_c   77.749
_cell.angle_alpha   90.00
_cell.angle_beta   90.00
_cell.angle_gamma   120.00
#
_symmetry.space_group_name_H-M   'H 3'
#
loop_
_entity.id
_entity.type
_entity.pdbx_description
1 polymer 'GTPase KRas, isoform 2B'
2 non-polymer "5'-GUANOSINE-DIPHOSPHATE-MONOTHIOPHOSPHATE"
3 non-polymer 'MAGNESIUM ION'
4 non-polymer BENZAMIDINE
5 non-polymer GLYCEROL
6 water water
#
_entity_poly.entity_id   1
_entity_poly.type   'polypeptide(L)'
_entity_poly.pdbx_seq_one_letter_code
;GSTEYKLVVVGADGVGKSALTIQLIQNHFVDEYDPTIEDSYRKQVVIDGETCLLDILDTAGQEEYSAMRDQYMRTGEGFL
CVFAINNTKSFEDIHHYREQIKRVKDSEDVPMVLVGNKCDLPSRTVDTKQAQDLARSYGIPFIETSAKTRQGVDDAFYTL
VREIRKHKEKMSKDGKKKKKKSKTKCVIM
;
_entity_poly.pdbx_strand_id   A
#
# COMPACT_ATOMS: atom_id res chain seq x y z
N SER A 2 18.05 -10.16 1.03
CA SER A 2 19.19 -9.33 0.55
C SER A 2 18.72 -7.94 0.11
N THR A 3 17.84 -7.89 -0.88
CA THR A 3 17.37 -6.61 -1.41
C THR A 3 16.33 -6.05 -0.45
N GLU A 4 16.50 -4.78 -0.13
CA GLU A 4 15.60 -4.08 0.76
C GLU A 4 14.53 -3.34 -0.05
N TYR A 5 13.30 -3.37 0.45
CA TYR A 5 12.21 -2.63 -0.14
C TYR A 5 11.58 -1.79 0.93
N LYS A 6 11.52 -0.47 0.73
CA LYS A 6 10.82 0.42 1.64
C LYS A 6 9.35 0.60 1.26
N LEU A 7 8.44 0.06 2.08
CA LEU A 7 7.01 0.06 1.80
C LEU A 7 6.30 1.01 2.77
N VAL A 8 5.30 1.74 2.26
CA VAL A 8 4.56 2.65 3.09
C VAL A 8 3.09 2.31 2.96
N VAL A 9 2.41 2.08 4.09
CA VAL A 9 0.98 1.75 4.09
C VAL A 9 0.22 3.06 4.41
N VAL A 10 -0.58 3.50 3.46
CA VAL A 10 -1.28 4.77 3.56
C VAL A 10 -2.79 4.54 3.38
N GLY A 11 -3.56 5.53 3.81
CA GLY A 11 -5.04 5.41 3.83
C GLY A 11 -5.66 6.10 5.05
N ALA A 12 -6.97 6.31 4.96
CA ALA A 12 -7.74 6.97 6.02
C ALA A 12 -7.69 6.23 7.33
N ASP A 13 -7.96 6.96 8.42
CA ASP A 13 -8.03 6.36 9.75
C ASP A 13 -9.08 5.27 9.75
N GLY A 14 -8.78 4.15 10.40
CA GLY A 14 -9.79 3.11 10.64
C GLY A 14 -10.03 2.11 9.50
N VAL A 15 -9.26 2.23 8.43
CA VAL A 15 -9.37 1.30 7.30
C VAL A 15 -8.75 -0.09 7.55
N GLY A 16 -7.82 -0.18 8.51
CA GLY A 16 -7.10 -1.42 8.78
C GLY A 16 -5.64 -1.47 8.37
N LYS A 17 -4.98 -0.32 8.24
CA LYS A 17 -3.53 -0.32 7.89
C LYS A 17 -2.70 -1.10 8.94
N SER A 18 -2.93 -0.79 10.20
CA SER A 18 -2.21 -1.42 11.30
C SER A 18 -2.59 -2.87 11.42
N ALA A 19 -3.87 -3.20 11.31
CA ALA A 19 -4.31 -4.62 11.34
C ALA A 19 -3.65 -5.47 10.24
N LEU A 20 -3.60 -4.94 9.01
CA LEU A 20 -2.93 -5.61 7.91
C LEU A 20 -1.45 -5.83 8.24
N THR A 21 -0.80 -4.78 8.67
CA THR A 21 0.63 -4.82 8.90
C THR A 21 0.96 -5.77 10.04
N ILE A 22 0.18 -5.76 11.12
CA ILE A 22 0.41 -6.65 12.27
C ILE A 22 0.11 -8.12 11.91
N GLN A 23 -0.87 -8.36 11.04
CA GLN A 23 -1.05 -9.73 10.53
C GLN A 23 0.18 -10.19 9.78
N LEU A 24 0.71 -9.32 8.93
CA LEU A 24 1.89 -9.67 8.16
C LEU A 24 3.07 -9.99 9.08
N ILE A 25 3.29 -9.13 10.05
CA ILE A 25 4.50 -9.25 10.93
C ILE A 25 4.30 -10.25 12.07
N GLN A 26 3.13 -10.20 12.71
CA GLN A 26 2.89 -10.91 13.98
C GLN A 26 1.88 -12.07 13.90
N ASN A 27 1.16 -12.17 12.79
CA ASN A 27 0.21 -13.27 12.57
C ASN A 27 -0.91 -13.35 13.60
N HIS A 28 -1.46 -12.19 13.96
CA HIS A 28 -2.69 -12.16 14.73
C HIS A 28 -3.43 -10.88 14.42
N PHE A 29 -4.68 -10.82 14.86
CA PHE A 29 -5.55 -9.72 14.53
C PHE A 29 -5.87 -8.88 15.77
N VAL A 30 -5.64 -7.58 15.65
CA VAL A 30 -6.00 -6.63 16.70
C VAL A 30 -7.45 -6.19 16.46
N ASP A 31 -8.36 -6.66 17.31
CA ASP A 31 -9.77 -6.21 17.28
C ASP A 31 -9.83 -4.78 17.84
N GLU A 32 -8.80 -4.47 18.62
CA GLU A 32 -8.66 -3.24 19.36
C GLU A 32 -8.61 -2.07 18.44
N TYR A 33 -8.95 -0.90 18.96
CA TYR A 33 -8.48 0.30 18.30
C TYR A 33 -7.25 0.84 19.00
N ASP A 34 -6.24 1.12 18.17
CA ASP A 34 -5.06 1.80 18.63
C ASP A 34 -4.55 2.70 17.52
N PRO A 35 -5.01 3.98 17.52
CA PRO A 35 -4.59 4.88 16.48
C PRO A 35 -3.09 5.11 16.44
N THR A 36 -2.56 5.18 15.23
CA THR A 36 -1.14 5.12 14.97
C THR A 36 -0.60 6.50 14.73
N ILE A 37 0.55 6.78 15.32
CA ILE A 37 1.32 7.97 14.96
C ILE A 37 2.22 7.59 13.79
N GLU A 38 3.15 6.67 14.05
CA GLU A 38 4.01 6.09 13.02
C GLU A 38 4.79 4.95 13.62
N ASP A 39 4.41 3.75 13.22
CA ASP A 39 5.13 2.54 13.60
C ASP A 39 5.76 2.00 12.34
N SER A 40 6.92 1.36 12.50
CA SER A 40 7.58 0.69 11.40
C SER A 40 7.91 -0.75 11.80
N TYR A 41 8.15 -1.58 10.82
CA TYR A 41 8.37 -3.00 11.06
C TYR A 41 9.29 -3.52 10.02
N ARG A 42 10.09 -4.50 10.41
CA ARG A 42 10.92 -5.24 9.47
C ARG A 42 10.49 -6.69 9.39
N LYS A 43 10.56 -7.24 8.19
CA LYS A 43 10.33 -8.65 8.00
C LYS A 43 11.13 -9.16 6.82
N GLN A 44 11.72 -10.33 7.03
CA GLN A 44 12.54 -10.98 6.04
C GLN A 44 11.67 -12.02 5.35
N VAL A 45 11.46 -11.86 4.05
CA VAL A 45 10.54 -12.72 3.30
C VAL A 45 11.22 -13.22 2.02
N VAL A 46 10.73 -14.34 1.50
CA VAL A 46 11.22 -14.86 0.25
C VAL A 46 10.08 -14.71 -0.73
N ILE A 47 10.31 -13.95 -1.79
CA ILE A 47 9.28 -13.62 -2.76
C ILE A 47 9.86 -13.98 -4.11
N ASP A 48 9.18 -14.85 -4.84
CA ASP A 48 9.66 -15.34 -6.13
C ASP A 48 11.09 -15.85 -6.05
N GLY A 49 11.44 -16.51 -4.95
CA GLY A 49 12.76 -17.05 -4.77
C GLY A 49 13.89 -16.04 -4.60
N GLU A 50 13.57 -14.78 -4.30
CA GLU A 50 14.59 -13.83 -3.85
C GLU A 50 14.30 -13.54 -2.39
N THR A 51 15.33 -13.36 -1.57
CA THR A 51 15.09 -12.93 -0.21
C THR A 51 14.94 -11.42 -0.19
N CYS A 52 13.95 -10.95 0.55
CA CYS A 52 13.60 -9.54 0.58
C CYS A 52 13.63 -9.08 2.02
N LEU A 53 14.28 -7.94 2.27
CA LEU A 53 14.11 -7.28 3.56
C LEU A 53 13.05 -6.19 3.39
N LEU A 54 11.87 -6.42 3.96
CA LEU A 54 10.83 -5.40 3.96
C LEU A 54 11.00 -4.44 5.13
N ASP A 55 11.01 -3.14 4.83
CA ASP A 55 10.99 -2.12 5.86
C ASP A 55 9.69 -1.36 5.65
N ILE A 56 8.77 -1.54 6.58
CA ILE A 56 7.38 -1.12 6.37
C ILE A 56 7.02 -0.01 7.32
N LEU A 57 6.49 1.09 6.78
CA LEU A 57 5.94 2.15 7.58
C LEU A 57 4.41 2.10 7.59
N ASP A 58 3.86 2.05 8.80
CA ASP A 58 2.43 2.05 9.06
C ASP A 58 2.06 3.46 9.53
N THR A 59 1.39 4.22 8.67
CA THR A 59 1.23 5.65 8.84
C THR A 59 -0.07 6.02 9.54
N ALA A 60 -0.20 7.29 9.92
CA ALA A 60 -1.42 7.77 10.58
C ALA A 60 -2.44 8.09 9.50
N GLY A 61 -3.66 7.62 9.69
CA GLY A 61 -4.75 7.96 8.78
C GLY A 61 -5.43 9.25 9.19
N GLN A 62 -5.12 9.72 10.40
CA GLN A 62 -5.89 10.79 11.08
C GLN A 62 -5.83 12.23 10.54
N GLU A 63 -4.95 12.51 9.57
CA GLU A 63 -4.92 13.81 8.87
C GLU A 63 -4.19 14.90 9.66
N GLU A 64 -4.65 16.15 9.60
CA GLU A 64 -3.78 17.33 9.71
C GLU A 64 -2.76 17.30 8.57
N TYR A 65 -1.97 16.23 8.54
CA TYR A 65 -0.77 16.06 7.68
C TYR A 65 -0.89 16.63 6.26
N SER A 66 0.20 16.52 5.51
CA SER A 66 0.64 17.53 4.54
C SER A 66 1.85 18.22 5.18
N ALA A 67 2.07 17.92 6.46
CA ALA A 67 3.34 18.12 7.12
C ALA A 67 4.03 16.76 7.06
N MET A 68 3.51 15.81 7.84
CA MET A 68 4.18 14.53 8.07
C MET A 68 4.34 13.70 6.82
N ARG A 69 3.39 13.79 5.91
CA ARG A 69 3.37 12.87 4.78
C ARG A 69 4.63 12.99 3.91
N ASP A 70 5.18 14.18 3.81
CA ASP A 70 6.23 14.43 2.83
C ASP A 70 7.44 13.50 2.99
N GLN A 71 8.09 13.53 4.16
CA GLN A 71 9.35 12.80 4.34
C GLN A 71 9.17 11.31 4.06
N TYR A 72 8.12 10.70 4.61
CA TYR A 72 7.95 9.27 4.38
C TYR A 72 7.47 8.96 2.98
N MET A 73 6.86 9.95 2.33
CA MET A 73 6.60 9.81 0.88
C MET A 73 7.91 9.91 0.02
N ARG A 74 8.85 10.82 0.32
CA ARG A 74 10.20 10.89 -0.35
C ARG A 74 10.89 9.49 -0.15
N THR A 75 10.78 8.91 1.07
CA THR A 75 11.51 7.70 1.53
C THR A 75 10.94 6.40 0.93
N GLY A 76 9.62 6.29 0.95
CA GLY A 76 8.97 5.09 0.44
C GLY A 76 9.22 4.79 -1.02
N GLU A 77 9.46 3.52 -1.32
CA GLU A 77 9.63 3.05 -2.70
C GLU A 77 8.30 2.58 -3.30
N GLY A 78 7.41 2.10 -2.47
CA GLY A 78 6.06 1.71 -2.91
C GLY A 78 5.04 1.91 -1.83
N PHE A 79 3.78 2.08 -2.22
CA PHE A 79 2.73 2.48 -1.33
C PHE A 79 1.56 1.53 -1.40
N LEU A 80 1.16 1.03 -0.25
CA LEU A 80 -0.03 0.20 -0.10
C LEU A 80 -1.14 1.18 0.20
N CYS A 81 -2.02 1.35 -0.77
CA CYS A 81 -3.09 2.36 -0.67
C CYS A 81 -4.35 1.63 -0.22
N VAL A 82 -4.66 1.76 1.07
CA VAL A 82 -5.69 0.93 1.69
C VAL A 82 -6.97 1.74 1.91
N PHE A 83 -8.12 1.20 1.48
CA PHE A 83 -9.43 1.73 1.89
C PHE A 83 -10.19 0.58 2.47
N ALA A 84 -11.33 0.87 3.13
CA ALA A 84 -12.16 -0.16 3.74
C ALA A 84 -13.40 -0.20 2.88
N ILE A 85 -13.87 -1.40 2.59
CA ILE A 85 -14.97 -1.58 1.66
C ILE A 85 -16.33 -1.06 2.16
N ASN A 86 -16.42 -0.74 3.46
CA ASN A 86 -17.62 -0.09 4.05
C ASN A 86 -17.30 1.34 4.43
N ASN A 87 -16.37 1.96 3.74
CA ASN A 87 -16.01 3.36 4.00
C ASN A 87 -15.76 4.13 2.71
N THR A 88 -16.80 4.80 2.22
CA THR A 88 -16.78 5.44 0.91
C THR A 88 -15.73 6.53 0.86
N LYS A 89 -15.74 7.40 1.84
CA LYS A 89 -14.71 8.43 1.92
C LYS A 89 -13.28 7.87 1.88
N SER A 90 -13.03 6.72 2.51
CA SER A 90 -11.68 6.16 2.50
C SER A 90 -11.25 5.73 1.07
N PHE A 91 -12.23 5.29 0.28
CA PHE A 91 -11.98 4.94 -1.12
C PHE A 91 -11.71 6.20 -1.93
N GLU A 92 -12.49 7.22 -1.67
CA GLU A 92 -12.37 8.49 -2.38
C GLU A 92 -11.04 9.13 -2.05
N ASP A 93 -10.56 8.90 -0.82
CA ASP A 93 -9.29 9.46 -0.35
C ASP A 93 -8.10 8.99 -1.18
N ILE A 94 -8.23 7.83 -1.80
CA ILE A 94 -7.11 7.23 -2.53
C ILE A 94 -6.60 8.15 -3.65
N HIS A 95 -7.53 8.78 -4.35
CA HIS A 95 -7.19 9.75 -5.36
C HIS A 95 -6.27 10.84 -4.79
N HIS A 96 -6.61 11.34 -3.61
CA HIS A 96 -5.88 12.44 -3.00
C HIS A 96 -4.48 11.95 -2.54
N TYR A 97 -4.42 10.78 -1.92
CA TYR A 97 -3.11 10.19 -1.53
C TYR A 97 -2.22 10.02 -2.75
N ARG A 98 -2.79 9.45 -3.80
CA ARG A 98 -2.05 9.22 -5.04
C ARG A 98 -1.51 10.53 -5.61
N GLU A 99 -2.37 11.56 -5.68
CA GLU A 99 -1.91 12.86 -6.17
C GLU A 99 -0.75 13.41 -5.35
N GLN A 100 -0.88 13.29 -4.04
CA GLN A 100 0.12 13.80 -3.12
C GLN A 100 1.47 13.09 -3.27
N ILE A 101 1.41 11.77 -3.40
CA ILE A 101 2.60 10.93 -3.54
C ILE A 101 3.34 11.30 -4.85
N LYS A 102 2.57 11.40 -5.93
CA LYS A 102 3.09 11.79 -7.24
C LYS A 102 3.73 13.20 -7.25
N ARG A 103 3.12 14.11 -6.49
CA ARG A 103 3.62 15.45 -6.37
C ARG A 103 4.90 15.45 -5.51
N VAL A 104 4.82 14.84 -4.32
CA VAL A 104 5.91 14.86 -3.34
C VAL A 104 7.13 14.08 -3.85
N LYS A 105 6.90 12.96 -4.52
CA LYS A 105 8.01 12.23 -5.16
C LYS A 105 8.37 12.80 -6.55
N ASP A 106 7.58 13.76 -7.03
CA ASP A 106 7.74 14.36 -8.34
C ASP A 106 7.88 13.31 -9.45
N SER A 107 6.99 12.35 -9.47
CA SER A 107 6.96 11.34 -10.53
C SER A 107 5.55 10.88 -10.88
N GLU A 108 5.35 10.59 -12.15
CA GLU A 108 4.14 9.90 -12.58
C GLU A 108 4.23 8.39 -12.32
N ASP A 109 5.44 7.87 -12.15
CA ASP A 109 5.64 6.42 -12.02
C ASP A 109 6.00 6.09 -10.58
N VAL A 110 5.00 5.74 -9.77
CA VAL A 110 5.22 5.34 -8.38
C VAL A 110 4.55 3.99 -8.12
N PRO A 111 5.35 2.98 -7.77
CA PRO A 111 4.79 1.67 -7.41
C PRO A 111 3.75 1.77 -6.32
N MET A 112 2.58 1.21 -6.60
CA MET A 112 1.45 1.29 -5.68
C MET A 112 0.58 0.06 -5.88
N VAL A 113 -0.11 -0.35 -4.84
CA VAL A 113 -1.14 -1.39 -4.91
C VAL A 113 -2.38 -0.88 -4.18
N LEU A 114 -3.55 -1.01 -4.82
CA LEU A 114 -4.82 -0.64 -4.18
C LEU A 114 -5.33 -1.80 -3.36
N VAL A 115 -5.67 -1.55 -2.10
CA VAL A 115 -6.08 -2.61 -1.19
C VAL A 115 -7.47 -2.23 -0.68
N GLY A 116 -8.43 -3.11 -0.93
CA GLY A 116 -9.77 -3.00 -0.35
C GLY A 116 -9.88 -3.95 0.84
N ASN A 117 -9.74 -3.39 2.04
CA ASN A 117 -9.78 -4.19 3.25
C ASN A 117 -11.18 -4.29 3.89
N LYS A 118 -11.30 -5.23 4.81
CA LYS A 118 -12.54 -5.58 5.54
C LYS A 118 -13.55 -6.35 4.71
N CYS A 119 -13.08 -7.18 3.78
CA CYS A 119 -14.01 -7.92 2.90
C CYS A 119 -14.79 -9.01 3.61
N ASP A 120 -14.46 -9.24 4.89
CA ASP A 120 -15.30 -10.06 5.75
C ASP A 120 -16.64 -9.41 6.15
N LEU A 121 -16.76 -8.10 6.04
CA LEU A 121 -17.98 -7.41 6.52
C LEU A 121 -19.16 -7.41 5.51
N PRO A 122 -20.42 -7.34 5.99
CA PRO A 122 -21.63 -7.22 5.12
C PRO A 122 -21.95 -5.82 4.52
N SER A 123 -22.69 -5.79 3.41
CA SER A 123 -23.21 -4.54 2.81
C SER A 123 -22.13 -3.49 2.49
N ARG A 124 -21.02 -3.94 1.93
CA ARG A 124 -20.05 -3.01 1.42
C ARG A 124 -20.72 -1.87 0.69
N THR A 125 -20.13 -0.70 0.83
CA THR A 125 -20.59 0.50 0.18
C THR A 125 -19.70 0.89 -0.99
N VAL A 126 -18.55 0.22 -1.13
CA VAL A 126 -17.68 0.39 -2.27
C VAL A 126 -17.63 -0.92 -3.04
N ASP A 127 -18.15 -0.89 -4.25
CA ASP A 127 -18.29 -2.09 -5.07
C ASP A 127 -16.93 -2.55 -5.56
N THR A 128 -16.80 -3.85 -5.78
CA THR A 128 -15.53 -4.37 -6.29
C THR A 128 -15.21 -3.73 -7.65
N LYS A 129 -16.24 -3.61 -8.47
CA LYS A 129 -16.08 -3.08 -9.83
C LYS A 129 -15.50 -1.66 -9.81
N GLN A 130 -15.96 -0.83 -8.89
CA GLN A 130 -15.39 0.51 -8.86
C GLN A 130 -13.94 0.57 -8.44
N ALA A 131 -13.54 -0.31 -7.52
CA ALA A 131 -12.14 -0.40 -7.14
C ALA A 131 -11.28 -0.94 -8.27
N GLN A 132 -11.77 -1.99 -8.90
CA GLN A 132 -11.09 -2.59 -10.07
C GLN A 132 -10.90 -1.58 -11.18
N ASP A 133 -11.95 -0.83 -11.46
CA ASP A 133 -11.94 0.21 -12.49
C ASP A 133 -10.90 1.29 -12.13
N LEU A 134 -10.89 1.73 -10.87
CA LEU A 134 -9.90 2.74 -10.41
C LEU A 134 -8.46 2.22 -10.57
N ALA A 135 -8.21 0.97 -10.20
CA ALA A 135 -6.87 0.38 -10.31
C ALA A 135 -6.44 0.26 -11.76
N ARG A 136 -7.38 -0.14 -12.63
CA ARG A 136 -7.13 -0.25 -14.06
C ARG A 136 -6.73 1.10 -14.67
N SER A 137 -7.45 2.14 -14.27
CA SER A 137 -7.11 3.50 -14.66
C SER A 137 -5.68 3.83 -14.24
N TYR A 138 -5.35 3.51 -12.99
CA TYR A 138 -4.00 3.82 -12.45
C TYR A 138 -2.90 2.89 -12.98
N GLY A 139 -3.33 1.77 -13.60
CA GLY A 139 -2.41 0.77 -14.12
C GLY A 139 -1.70 0.07 -12.95
N ILE A 140 -2.41 -0.20 -11.87
CA ILE A 140 -1.86 -0.87 -10.68
C ILE A 140 -2.73 -2.05 -10.25
N PRO A 141 -2.14 -3.02 -9.51
CA PRO A 141 -2.95 -4.14 -9.02
C PRO A 141 -4.00 -3.71 -7.97
N PHE A 142 -5.06 -4.48 -7.86
CA PHE A 142 -6.06 -4.29 -6.82
C PHE A 142 -6.19 -5.62 -6.11
N ILE A 143 -6.12 -5.59 -4.78
CA ILE A 143 -6.22 -6.81 -3.99
C ILE A 143 -7.23 -6.55 -2.85
N GLU A 144 -8.16 -7.48 -2.69
CA GLU A 144 -9.11 -7.44 -1.60
C GLU A 144 -8.57 -8.26 -0.46
N THR A 145 -8.67 -7.67 0.74
CA THR A 145 -8.15 -8.29 1.93
C THR A 145 -9.16 -8.32 3.09
N SER A 146 -8.83 -9.14 4.07
CA SER A 146 -9.44 -9.08 5.42
C SER A 146 -8.34 -9.31 6.41
N ALA A 147 -7.95 -8.23 7.10
CA ALA A 147 -6.99 -8.37 8.18
C ALA A 147 -7.54 -9.31 9.27
N LYS A 148 -8.87 -9.36 9.42
CA LYS A 148 -9.48 -10.19 10.44
C LYS A 148 -9.23 -11.68 10.22
N THR A 149 -9.28 -12.11 8.97
CA THR A 149 -9.09 -13.53 8.63
C THR A 149 -7.72 -13.80 8.03
N ARG A 150 -6.98 -12.75 7.77
CA ARG A 150 -5.68 -12.78 7.09
C ARG A 150 -5.78 -13.01 5.56
N GLN A 151 -6.98 -13.15 5.03
CA GLN A 151 -7.15 -13.27 3.59
C GLN A 151 -6.51 -12.14 2.81
N GLY A 152 -5.62 -12.51 1.89
CA GLY A 152 -5.01 -11.54 0.98
C GLY A 152 -3.85 -10.71 1.52
N VAL A 153 -3.53 -10.86 2.80
CA VAL A 153 -2.54 -10.04 3.45
C VAL A 153 -1.13 -10.19 2.84
N ASP A 154 -0.65 -11.41 2.75
CA ASP A 154 0.67 -11.65 2.16
C ASP A 154 0.69 -11.20 0.70
N ASP A 155 -0.37 -11.55 -0.03
CA ASP A 155 -0.49 -11.19 -1.44
C ASP A 155 -0.39 -9.69 -1.66
N ALA A 156 -1.09 -8.93 -0.81
CA ALA A 156 -1.06 -7.47 -0.90
C ALA A 156 0.38 -6.94 -0.80
N PHE A 157 1.12 -7.40 0.22
CA PHE A 157 2.48 -6.90 0.41
C PHE A 157 3.44 -7.46 -0.63
N TYR A 158 3.33 -8.74 -0.94
CA TYR A 158 4.21 -9.33 -1.95
C TYR A 158 3.96 -8.71 -3.33
N THR A 159 2.70 -8.45 -3.66
CA THR A 159 2.41 -7.81 -4.94
C THR A 159 3.08 -6.43 -5.01
N LEU A 160 3.07 -5.67 -3.91
CA LEU A 160 3.75 -4.35 -3.89
C LEU A 160 5.27 -4.46 -4.15
N VAL A 161 5.91 -5.47 -3.58
CA VAL A 161 7.33 -5.74 -3.85
C VAL A 161 7.51 -6.01 -5.35
N ARG A 162 6.65 -6.84 -5.93
CA ARG A 162 6.72 -7.14 -7.36
C ARG A 162 6.60 -5.88 -8.21
N GLU A 163 5.69 -4.98 -7.83
CA GLU A 163 5.54 -3.70 -8.52
C GLU A 163 6.81 -2.84 -8.46
N ILE A 164 7.46 -2.85 -7.29
CA ILE A 164 8.71 -2.12 -7.14
C ILE A 164 9.78 -2.71 -8.04
N ARG A 165 9.89 -4.04 -8.08
CA ARG A 165 10.87 -4.70 -8.93
C ARG A 165 10.66 -4.37 -10.40
N LYS A 166 9.39 -4.37 -10.81
CA LYS A 166 9.04 -4.06 -12.18
C LYS A 166 9.40 -2.63 -12.54
N HIS A 167 9.09 -1.73 -11.63
CA HIS A 167 9.48 -0.31 -11.75
C HIS A 167 10.99 -0.15 -11.87
N LYS A 168 11.74 -0.82 -11.00
CA LYS A 168 13.21 -0.77 -11.04
C LYS A 168 13.77 -1.17 -12.39
N GLU A 169 13.24 -2.26 -12.92
CA GLU A 169 13.64 -2.75 -14.23
C GLU A 169 13.21 -1.74 -15.30
N LYS A 170 11.95 -1.29 -15.26
CA LYS A 170 11.49 -0.28 -16.23
C LYS A 170 12.38 0.95 -16.22
N MET A 171 12.64 1.50 -15.04
CA MET A 171 13.47 2.72 -14.91
C MET A 171 14.88 2.57 -15.49
N SER A 172 15.41 1.35 -15.50
CA SER A 172 16.72 1.10 -16.12
C SER A 172 16.63 1.21 -17.64
N LYS A 173 15.57 0.65 -18.22
CA LYS A 173 15.25 0.80 -19.64
C LYS A 173 14.56 2.14 -19.94
N ASP A 174 13.96 2.74 -18.91
CA ASP A 174 13.17 3.98 -19.00
C ASP A 174 12.03 3.88 -20.03
N GLY A 175 11.72 5.00 -20.68
CA GLY A 175 11.04 5.02 -21.98
C GLY A 175 12.03 5.36 -23.07
N LYS A 176 12.88 6.35 -22.81
CA LYS A 176 13.93 6.78 -23.75
C LYS A 176 15.08 7.47 -22.99
N LYS A 177 15.87 8.28 -23.69
CA LYS A 177 16.99 9.02 -23.10
C LYS A 177 18.22 8.11 -22.95
N LYS A 178 18.06 7.06 -22.14
CA LYS A 178 19.13 6.09 -21.91
C LYS A 178 18.87 4.77 -22.65
N LYS A 179 17.84 4.05 -22.22
CA LYS A 179 17.64 2.63 -22.59
C LYS A 179 18.61 1.77 -21.75
N LYS A 180 18.50 0.45 -21.89
CA LYS A 180 19.37 -0.47 -21.13
C LYS A 180 19.29 -1.92 -21.64
N LYS A 181 18.36 -2.69 -21.09
CA LYS A 181 18.19 -4.08 -21.48
C LYS A 181 17.92 -4.20 -22.98
#